data_5IWW
#
_entry.id   5IWW
#
_cell.length_a   103.190
_cell.length_b   103.190
_cell.length_c   149.150
_cell.angle_alpha   90.00
_cell.angle_beta   90.00
_cell.angle_gamma   120.00
#
_symmetry.space_group_name_H-M   'P 64'
#
loop_
_entity.id
_entity.type
_entity.pdbx_description
1 polymer 'Multiple organellar RNA editing factor 9, chloroplastic'
2 polymer PLS9-PPR
3 water water
#
loop_
_entity_poly.entity_id
_entity_poly.type
_entity_poly.pdbx_seq_one_letter_code
_entity_poly.pdbx_strand_id
1 'polypeptide(L)'
;MEQRETIMLPGSDYNHWLIVMEFPKDPAPSRDQMIDTYLNTLATVLGSMEEAKKNMYAFSTTTYTGFQCTIDEETSEKFK
GLPGVLWVLPDSYIDVKNKDYGGDKYINGEIIPSTYPTYQPKQLEHHHHHHHH
;
A,B,C
2 'polypeptide(L)'
;HMELFAELRRQGVAPTVVTYNTLIDGLCKAGKLDEALKLFEEMVEKGIKPDEFTFSSVLKACARLGALELGKQIHGYVIK
SGFEGNVVVYNALIDMYSKCGLLEEARKVFDEMPEKDVVTYNTLIDGLCKAGKLDEALKLFEEMVEKGIKPDEFTFSSVL
KACARLGALELGKQIHGYVIKSGFESNVVVYNALIDMYSKCGLLEEARKVFDEMPEKDVVTYNTLIDGLCKAGKLDEALK
LFEEMVEKGIKPDEFTFSSVLKACARLGALELGKQIHGYVIKSGFESNVVVYNALIDMYSKCGLLEEARKVFDEMPEKDE
LTYRRVVESYCRAKRFELEHHHHHHHH
;
D
#
# COMPACT_ATOMS: atom_id res chain seq x y z
N THR A 6 13.15 -13.08 -15.71
CA THR A 6 12.12 -13.96 -16.27
C THR A 6 10.99 -13.22 -16.98
N ILE A 7 10.45 -12.16 -16.35
CA ILE A 7 9.43 -11.32 -16.97
C ILE A 7 10.05 -9.98 -17.36
N MET A 8 9.58 -9.44 -18.48
CA MET A 8 10.11 -8.21 -19.06
C MET A 8 8.95 -7.33 -19.48
N LEU A 9 9.17 -6.03 -19.49
CA LEU A 9 8.20 -5.13 -20.06
C LEU A 9 8.19 -5.27 -21.59
N PRO A 10 7.06 -5.01 -22.23
CA PRO A 10 7.00 -5.08 -23.69
C PRO A 10 7.90 -4.03 -24.31
N GLY A 11 8.83 -4.48 -25.15
CA GLY A 11 9.76 -3.59 -25.83
C GLY A 11 11.13 -3.47 -25.18
N SER A 12 11.29 -3.99 -23.96
CA SER A 12 12.58 -4.01 -23.27
C SER A 12 13.43 -5.16 -23.78
N ASP A 13 14.10 -4.93 -24.91
CA ASP A 13 15.03 -5.96 -25.40
C ASP A 13 16.48 -5.65 -25.10
N TYR A 14 16.76 -4.69 -24.22
CA TYR A 14 18.13 -4.34 -23.79
C TYR A 14 19.02 -3.89 -24.97
N ASN A 15 18.41 -3.52 -26.08
CA ASN A 15 19.10 -2.84 -27.17
C ASN A 15 18.52 -1.47 -27.36
N HIS A 16 17.68 -1.03 -26.44
CA HIS A 16 17.07 0.29 -26.45
C HIS A 16 17.16 0.84 -25.04
N TRP A 17 17.60 2.08 -24.93
CA TRP A 17 18.03 2.59 -23.64
C TRP A 17 17.56 4.01 -23.43
N LEU A 18 17.00 4.26 -22.25
CA LEU A 18 16.60 5.60 -21.83
C LEU A 18 17.72 6.18 -20.98
N ILE A 19 18.27 7.29 -21.43
CA ILE A 19 19.37 7.98 -20.75
C ILE A 19 18.81 9.27 -20.18
N VAL A 20 18.59 9.34 -18.88
CA VAL A 20 18.02 10.54 -18.28
C VAL A 20 19.14 11.43 -17.77
N MET A 21 19.09 12.69 -18.14
CA MET A 21 20.12 13.65 -17.82
C MET A 21 19.55 14.72 -16.91
N GLU A 22 20.42 15.27 -16.07
CA GLU A 22 20.09 16.34 -15.15
C GLU A 22 20.72 17.62 -15.66
N PHE A 23 19.94 18.70 -15.62
CA PHE A 23 20.40 19.97 -16.15
C PHE A 23 20.33 21.05 -15.09
N PRO A 24 21.14 22.11 -15.22
CA PRO A 24 21.00 23.26 -14.34
C PRO A 24 19.57 23.75 -14.27
N LYS A 25 19.25 24.46 -13.18
CA LYS A 25 17.88 24.82 -12.84
C LYS A 25 17.60 26.31 -12.88
N ASP A 26 18.62 27.15 -12.83
CA ASP A 26 18.40 28.60 -12.86
C ASP A 26 19.41 29.33 -13.70
N PRO A 27 19.08 29.56 -14.98
CA PRO A 27 17.87 29.05 -15.64
C PRO A 27 18.09 27.64 -16.21
N ALA A 28 17.01 26.93 -16.53
CA ALA A 28 17.17 25.70 -17.30
C ALA A 28 17.70 26.06 -18.69
N PRO A 29 18.43 25.15 -19.33
CA PRO A 29 18.88 25.39 -20.70
C PRO A 29 17.71 25.43 -21.67
N SER A 30 17.98 25.92 -22.86
CA SER A 30 16.94 25.87 -23.89
C SER A 30 16.72 24.43 -24.34
N ARG A 31 15.57 24.23 -25.01
CA ARG A 31 15.28 22.93 -25.63
C ARG A 31 16.43 22.50 -26.53
N ASP A 32 16.83 23.37 -27.45
CA ASP A 32 17.91 23.05 -28.37
C ASP A 32 19.22 22.73 -27.65
N GLN A 33 19.50 23.38 -26.53
CA GLN A 33 20.71 23.02 -25.82
C GLN A 33 20.58 21.64 -25.19
N MET A 34 19.45 21.38 -24.55
CA MET A 34 19.19 20.05 -24.00
C MET A 34 19.38 18.97 -25.06
N ILE A 35 18.89 19.21 -26.28
CA ILE A 35 19.02 18.24 -27.36
C ILE A 35 20.49 17.99 -27.69
N ASP A 36 21.26 19.07 -27.86
CA ASP A 36 22.65 18.92 -28.26
C ASP A 36 23.50 18.32 -27.15
N THR A 37 23.07 18.40 -25.89
CA THR A 37 23.70 17.62 -24.82
C THR A 37 23.48 16.13 -25.06
N TYR A 38 22.23 15.75 -25.39
CA TYR A 38 21.94 14.37 -25.76
C TYR A 38 22.85 13.90 -26.89
N LEU A 39 22.95 14.69 -27.96
CA LEU A 39 23.76 14.29 -29.11
C LEU A 39 25.23 14.17 -28.73
N ASN A 40 25.76 15.17 -28.02
CA ASN A 40 27.18 15.13 -27.67
C ASN A 40 27.47 14.00 -26.68
N THR A 41 26.56 13.79 -25.73
CA THR A 41 26.74 12.70 -24.77
C THR A 41 26.78 11.34 -25.47
N LEU A 42 25.78 11.08 -26.34
CA LEU A 42 25.76 9.83 -27.09
C LEU A 42 26.99 9.72 -27.98
N ALA A 43 27.39 10.82 -28.62
CA ALA A 43 28.57 10.79 -29.48
C ALA A 43 29.81 10.43 -28.68
N THR A 44 29.89 10.90 -27.43
CA THR A 44 31.03 10.62 -26.57
C THR A 44 31.25 9.11 -26.42
N VAL A 45 30.16 8.35 -26.24
CA VAL A 45 30.24 6.91 -26.09
C VAL A 45 30.34 6.20 -27.45
N LEU A 46 29.61 6.65 -28.46
CA LEU A 46 29.63 5.93 -29.72
C LEU A 46 30.85 6.26 -30.57
N GLY A 47 31.55 7.36 -30.30
CA GLY A 47 32.79 7.67 -30.98
C GLY A 47 32.69 8.74 -32.06
N SER A 48 31.48 9.11 -32.48
CA SER A 48 31.32 10.12 -33.52
C SER A 48 29.89 10.68 -33.47
N MET A 49 29.74 11.87 -34.03
CA MET A 49 28.42 12.49 -34.06
C MET A 49 27.50 11.79 -35.04
N GLU A 50 28.04 11.37 -36.19
CA GLU A 50 27.25 10.60 -37.16
C GLU A 50 26.61 9.39 -36.50
N GLU A 51 27.37 8.69 -35.66
CA GLU A 51 26.83 7.54 -34.94
C GLU A 51 25.76 7.96 -33.95
N ALA A 52 25.98 9.07 -33.23
CA ALA A 52 24.98 9.54 -32.28
C ALA A 52 23.69 9.94 -32.99
N LYS A 53 23.83 10.76 -34.04
CA LYS A 53 22.65 11.18 -34.81
C LYS A 53 21.90 10.01 -35.38
N LYS A 54 22.61 8.97 -35.82
CA LYS A 54 21.91 7.84 -36.43
C LYS A 54 21.26 6.92 -35.39
N ASN A 55 21.69 6.96 -34.13
CA ASN A 55 21.25 6.00 -33.14
C ASN A 55 20.34 6.58 -32.08
N MET A 56 20.07 7.89 -32.12
CA MET A 56 19.14 8.51 -31.18
C MET A 56 17.78 8.56 -31.86
N TYR A 57 16.83 7.74 -31.40
CA TYR A 57 15.54 7.68 -32.07
C TYR A 57 14.47 8.52 -31.39
N ALA A 58 14.66 8.91 -30.12
CA ALA A 58 13.64 9.70 -29.46
C ALA A 58 14.28 10.44 -28.30
N PHE A 59 13.61 11.51 -27.87
CA PHE A 59 14.02 12.24 -26.68
C PHE A 59 12.82 12.98 -26.11
N SER A 60 13.00 13.51 -24.91
CA SER A 60 12.12 14.55 -24.39
C SER A 60 12.96 15.64 -23.72
N THR A 61 12.39 16.85 -23.71
CA THR A 61 12.87 17.94 -22.85
C THR A 61 11.73 18.53 -22.05
N THR A 62 10.62 17.81 -21.87
CA THR A 62 9.46 18.31 -21.13
C THR A 62 9.00 17.31 -20.08
N THR A 63 8.36 16.21 -20.52
CA THR A 63 7.95 15.16 -19.59
C THR A 63 9.14 14.62 -18.82
N TYR A 64 10.26 14.43 -19.48
CA TYR A 64 11.54 14.11 -18.88
C TYR A 64 12.61 14.83 -19.69
N THR A 65 13.82 14.86 -19.18
CA THR A 65 14.95 15.44 -19.91
C THR A 65 15.91 14.30 -20.18
N GLY A 66 15.70 13.63 -21.31
CA GLY A 66 16.50 12.46 -21.62
C GLY A 66 16.30 12.04 -23.07
N PHE A 67 17.14 11.10 -23.49
CA PHE A 67 17.09 10.61 -24.85
C PHE A 67 17.04 9.09 -24.86
N GLN A 68 16.66 8.54 -26.01
CA GLN A 68 16.45 7.12 -26.20
C GLN A 68 17.21 6.67 -27.44
N CYS A 69 18.01 5.61 -27.29
CA CYS A 69 19.00 5.29 -28.30
C CYS A 69 19.13 3.78 -28.48
N THR A 70 19.55 3.40 -29.67
CA THR A 70 19.85 2.01 -30.00
C THR A 70 21.31 1.75 -29.68
N ILE A 71 21.55 1.11 -28.54
CA ILE A 71 22.88 0.66 -28.12
C ILE A 71 22.66 -0.65 -27.38
N ASP A 72 23.73 -1.44 -27.24
CA ASP A 72 23.60 -2.66 -26.48
C ASP A 72 23.92 -2.39 -25.01
N GLU A 73 23.77 -3.42 -24.18
CA GLU A 73 23.89 -3.26 -22.74
C GLU A 73 25.29 -2.82 -22.34
N GLU A 74 26.30 -3.53 -22.85
CA GLU A 74 27.69 -3.24 -22.52
C GLU A 74 28.05 -1.79 -22.85
N THR A 75 27.48 -1.26 -23.94
CA THR A 75 27.71 0.14 -24.30
C THR A 75 27.01 1.09 -23.33
N SER A 76 25.77 0.78 -22.95
CA SER A 76 25.00 1.66 -22.07
C SER A 76 25.72 1.91 -20.76
N GLU A 77 26.50 0.93 -20.28
CA GLU A 77 27.25 1.11 -19.04
C GLU A 77 28.23 2.27 -19.16
N LYS A 78 28.76 2.51 -20.37
CA LYS A 78 29.75 3.56 -20.54
C LYS A 78 29.20 4.95 -20.26
N PHE A 79 27.87 5.13 -20.17
CA PHE A 79 27.33 6.44 -19.81
C PHE A 79 27.44 6.73 -18.33
N LYS A 80 27.53 5.71 -17.48
CA LYS A 80 27.53 5.95 -16.04
C LYS A 80 28.84 6.61 -15.61
N GLY A 81 28.70 7.70 -14.88
CA GLY A 81 29.85 8.47 -14.49
C GLY A 81 30.16 9.63 -15.40
N LEU A 82 29.49 9.73 -16.54
CA LEU A 82 29.60 10.93 -17.36
C LEU A 82 28.82 12.08 -16.72
N PRO A 83 29.33 13.29 -16.84
CA PRO A 83 28.59 14.44 -16.30
C PRO A 83 27.21 14.55 -16.91
N GLY A 84 26.22 14.74 -16.06
CA GLY A 84 24.86 14.94 -16.50
C GLY A 84 24.03 13.69 -16.60
N VAL A 85 24.66 12.53 -16.61
CA VAL A 85 23.91 11.28 -16.70
C VAL A 85 23.45 10.86 -15.31
N LEU A 86 22.13 10.73 -15.15
CA LEU A 86 21.50 10.35 -13.91
C LEU A 86 21.08 8.88 -13.92
N TRP A 87 20.37 8.47 -14.96
CA TRP A 87 19.80 7.12 -15.07
C TRP A 87 20.09 6.53 -16.45
N VAL A 88 20.57 5.30 -16.44
CA VAL A 88 20.65 4.44 -17.61
C VAL A 88 19.69 3.28 -17.36
N LEU A 89 18.59 3.26 -18.12
CA LEU A 89 17.49 2.32 -17.94
C LEU A 89 17.07 1.73 -19.28
N PRO A 90 16.71 0.44 -19.30
CA PRO A 90 16.26 -0.20 -20.55
C PRO A 90 14.96 0.44 -21.01
N ASP A 91 14.92 0.84 -22.28
CA ASP A 91 13.70 1.52 -22.72
C ASP A 91 12.58 0.48 -22.85
N SER A 92 11.34 0.96 -23.02
CA SER A 92 10.20 0.06 -23.11
C SER A 92 9.10 0.75 -23.90
N TYR A 93 8.16 -0.05 -24.40
CA TYR A 93 7.04 0.49 -25.16
C TYR A 93 6.12 1.32 -24.27
N ILE A 94 5.71 2.48 -24.77
CA ILE A 94 4.67 3.23 -24.08
C ILE A 94 3.30 3.04 -24.73
N ASP A 95 3.26 2.70 -26.02
CA ASP A 95 2.08 2.18 -26.71
C ASP A 95 2.47 0.82 -27.27
N VAL A 96 1.88 -0.25 -26.74
CA VAL A 96 2.34 -1.59 -27.09
C VAL A 96 1.80 -2.02 -28.45
N LYS A 97 0.55 -1.66 -28.77
CA LYS A 97 -0.05 -2.08 -30.04
C LYS A 97 0.75 -1.56 -31.23
N ASN A 98 1.18 -0.31 -31.18
CA ASN A 98 1.96 0.32 -32.24
C ASN A 98 3.47 0.18 -32.05
N LYS A 99 3.92 -0.61 -31.08
CA LYS A 99 5.34 -0.86 -30.85
C LYS A 99 6.13 0.44 -30.71
N ASP A 100 5.60 1.35 -29.89
CA ASP A 100 6.09 2.72 -29.80
C ASP A 100 6.80 2.94 -28.47
N TYR A 101 8.06 3.40 -28.54
CA TYR A 101 8.82 3.74 -27.34
C TYR A 101 8.51 5.13 -26.80
N GLY A 102 7.75 5.94 -27.54
CA GLY A 102 7.40 7.25 -27.04
C GLY A 102 8.46 8.32 -27.25
N GLY A 103 8.20 9.47 -26.64
CA GLY A 103 9.05 10.65 -26.76
C GLY A 103 8.99 11.36 -28.10
N ASP A 104 9.52 12.57 -28.18
CA ASP A 104 9.63 13.25 -29.47
C ASP A 104 10.61 12.49 -30.34
N LYS A 105 10.21 12.19 -31.58
CA LYS A 105 11.04 11.34 -32.43
C LYS A 105 12.13 12.13 -33.13
N TYR A 106 13.32 11.51 -33.23
CA TYR A 106 14.46 12.07 -33.94
C TYR A 106 14.81 11.15 -35.10
N ILE A 107 14.67 11.65 -36.33
CA ILE A 107 14.90 10.85 -37.53
C ILE A 107 15.87 11.64 -38.43
N ASN A 108 17.18 11.45 -38.21
CA ASN A 108 18.22 12.07 -39.03
C ASN A 108 18.13 13.60 -39.00
N GLY A 109 17.81 14.15 -37.83
CA GLY A 109 17.71 15.58 -37.65
C GLY A 109 16.31 16.15 -37.72
N GLU A 110 15.36 15.42 -38.28
CA GLU A 110 13.97 15.84 -38.24
C GLU A 110 13.40 15.52 -36.87
N ILE A 111 12.65 16.46 -36.32
CA ILE A 111 11.97 16.27 -35.05
C ILE A 111 10.48 16.21 -35.29
N ILE A 112 9.84 15.15 -34.80
CA ILE A 112 8.40 14.99 -34.87
C ILE A 112 7.87 14.94 -33.44
N PRO A 113 7.28 16.03 -32.95
CA PRO A 113 6.88 16.09 -31.54
C PRO A 113 5.81 15.05 -31.23
N SER A 114 5.86 14.55 -29.99
CA SER A 114 4.92 13.55 -29.54
C SER A 114 3.53 14.15 -29.35
N THR A 115 2.53 13.27 -29.39
CA THR A 115 1.12 13.66 -29.40
C THR A 115 0.30 12.97 -28.30
N THR B 6 29.69 14.03 16.54
CA THR B 6 28.68 13.01 16.29
C THR B 6 27.35 13.67 15.87
N ILE B 7 26.24 12.93 15.96
CA ILE B 7 24.95 13.44 15.49
C ILE B 7 24.18 14.00 16.67
N MET B 8 23.73 15.26 16.55
CA MET B 8 23.01 15.97 17.59
C MET B 8 21.68 16.48 17.07
N LEU B 9 20.64 16.33 17.88
CA LEU B 9 19.32 16.83 17.50
C LEU B 9 19.30 18.36 17.56
N PRO B 10 18.59 19.01 16.64
CA PRO B 10 18.58 20.48 16.62
C PRO B 10 18.11 21.04 17.95
N GLY B 11 18.94 21.89 18.56
CA GLY B 11 18.63 22.49 19.84
C GLY B 11 19.20 21.77 21.04
N SER B 12 19.80 20.59 20.85
CA SER B 12 20.33 19.82 21.96
C SER B 12 21.73 20.33 22.28
N ASP B 13 21.79 21.44 23.01
CA ASP B 13 23.06 22.03 23.38
C ASP B 13 23.52 21.63 24.78
N TYR B 14 22.80 20.74 25.45
CA TYR B 14 23.13 20.28 26.79
C TYR B 14 23.15 21.43 27.80
N ASN B 15 22.52 22.56 27.45
CA ASN B 15 22.17 23.59 28.42
C ASN B 15 20.65 23.74 28.53
N HIS B 16 19.90 22.81 27.93
CA HIS B 16 18.46 22.73 28.01
C HIS B 16 18.08 21.30 28.39
N TRP B 17 17.28 21.14 29.44
CA TRP B 17 16.99 19.80 29.97
C TRP B 17 15.51 19.54 30.19
N LEU B 18 15.04 18.42 29.66
CA LEU B 18 13.71 17.87 29.94
C LEU B 18 13.80 17.01 31.20
N ILE B 19 13.04 17.37 32.23
CA ILE B 19 12.99 16.64 33.50
C ILE B 19 11.59 16.05 33.63
N VAL B 20 11.44 14.78 33.36
CA VAL B 20 10.12 14.16 33.32
C VAL B 20 9.80 13.64 34.70
N MET B 21 8.56 13.82 35.14
CA MET B 21 8.21 13.36 36.47
C MET B 21 7.03 12.39 36.41
N GLU B 22 6.74 11.79 37.56
CA GLU B 22 5.71 10.76 37.71
C GLU B 22 4.87 11.08 38.94
N PHE B 23 3.58 11.27 38.76
CA PHE B 23 2.69 11.52 39.88
C PHE B 23 1.73 10.35 40.05
N PRO B 24 1.08 10.24 41.21
CA PRO B 24 -0.01 9.28 41.35
C PRO B 24 -1.07 9.48 40.27
N LYS B 25 -1.47 8.37 39.63
CA LYS B 25 -2.49 8.42 38.58
C LYS B 25 -3.90 8.49 39.14
N ASP B 26 -4.12 8.03 40.37
CA ASP B 26 -5.45 7.97 40.97
C ASP B 26 -5.41 8.23 42.48
N PRO B 27 -5.84 9.45 42.89
CA PRO B 27 -6.18 10.51 41.93
C PRO B 27 -4.98 11.41 41.62
N ALA B 28 -4.92 11.88 40.37
CA ALA B 28 -3.83 12.76 39.97
C ALA B 28 -3.93 14.10 40.71
N PRO B 29 -2.80 14.64 41.16
CA PRO B 29 -2.78 16.04 41.59
C PRO B 29 -3.19 16.94 40.45
N SER B 30 -3.63 18.15 40.81
CA SER B 30 -4.19 19.03 39.78
C SER B 30 -3.07 19.58 38.90
N ARG B 31 -3.48 20.24 37.82
CA ARG B 31 -2.53 20.94 36.96
C ARG B 31 -1.63 21.87 37.77
N ASP B 32 -2.24 22.66 38.66
CA ASP B 32 -1.51 23.63 39.45
C ASP B 32 -0.62 22.99 40.51
N GLN B 33 -0.97 21.80 41.01
CA GLN B 33 -0.06 21.17 41.96
C GLN B 33 1.17 20.61 41.27
N MET B 34 0.99 20.06 40.06
CA MET B 34 2.13 19.62 39.27
C MET B 34 3.06 20.78 38.95
N ILE B 35 2.49 21.87 38.43
CA ILE B 35 3.28 23.07 38.15
C ILE B 35 4.07 23.49 39.38
N ASP B 36 3.39 23.59 40.52
CA ASP B 36 4.05 23.88 41.79
C ASP B 36 5.21 22.94 42.07
N THR B 37 4.98 21.63 41.91
CA THR B 37 6.02 20.63 42.14
C THR B 37 7.23 20.85 41.23
N TYR B 38 7.00 21.19 39.96
CA TYR B 38 8.12 21.42 39.04
C TYR B 38 9.01 22.54 39.57
N LEU B 39 8.42 23.68 39.94
CA LEU B 39 9.20 24.81 40.42
C LEU B 39 9.90 24.48 41.73
N ASN B 40 9.19 23.84 42.66
CA ASN B 40 9.82 23.41 43.91
C ASN B 40 10.98 22.48 43.67
N THR B 41 10.82 21.50 42.78
CA THR B 41 11.91 20.59 42.53
C THR B 41 13.09 21.29 41.86
N LEU B 42 12.81 22.19 40.92
CA LEU B 42 13.87 23.00 40.31
C LEU B 42 14.54 23.90 41.34
N ALA B 43 13.74 24.52 42.22
CA ALA B 43 14.32 25.38 43.24
C ALA B 43 15.14 24.61 44.26
N THR B 44 14.82 23.33 44.48
CA THR B 44 15.64 22.60 45.44
C THR B 44 17.04 22.36 44.91
N VAL B 45 17.16 22.12 43.61
CA VAL B 45 18.48 21.93 43.02
C VAL B 45 19.22 23.26 42.83
N LEU B 46 18.51 24.33 42.46
CA LEU B 46 19.18 25.61 42.15
C LEU B 46 19.39 26.50 43.37
N GLY B 47 18.72 26.22 44.50
CA GLY B 47 18.96 26.94 45.73
C GLY B 47 17.96 28.03 46.07
N SER B 48 17.13 28.46 45.11
CA SER B 48 16.07 29.42 45.42
C SER B 48 15.00 29.34 44.34
N MET B 49 13.83 29.89 44.69
CA MET B 49 12.68 29.90 43.79
C MET B 49 12.83 30.92 42.67
N GLU B 50 13.59 31.99 42.90
CA GLU B 50 13.77 32.99 41.84
C GLU B 50 14.57 32.40 40.68
N GLU B 51 15.60 31.60 41.00
CA GLU B 51 16.35 30.92 39.97
C GLU B 51 15.53 29.84 39.27
N ALA B 52 14.52 29.29 39.97
CA ALA B 52 13.67 28.29 39.34
C ALA B 52 12.74 28.92 38.31
N LYS B 53 12.02 29.97 38.70
CA LYS B 53 11.13 30.67 37.76
C LYS B 53 11.90 31.20 36.57
N LYS B 54 13.16 31.59 36.79
CA LYS B 54 13.92 32.22 35.72
C LYS B 54 14.34 31.19 34.69
N ASN B 55 14.60 29.96 35.13
CA ASN B 55 15.22 28.97 34.27
C ASN B 55 14.26 27.92 33.76
N MET B 56 13.00 27.94 34.20
CA MET B 56 12.00 27.03 33.67
C MET B 56 11.30 27.71 32.52
N TYR B 57 11.58 27.27 31.30
CA TYR B 57 10.98 27.91 30.13
C TYR B 57 9.78 27.15 29.58
N ALA B 58 9.57 25.90 29.97
CA ALA B 58 8.45 25.16 29.43
C ALA B 58 8.13 24.01 30.36
N PHE B 59 6.94 23.45 30.18
CA PHE B 59 6.45 22.32 30.97
C PHE B 59 5.25 21.73 30.24
N SER B 60 4.74 20.63 30.79
CA SER B 60 3.48 20.07 30.36
C SER B 60 2.88 19.34 31.53
N THR B 61 1.54 19.28 31.55
CA THR B 61 0.80 18.42 32.48
C THR B 61 -0.14 17.47 31.75
N THR B 62 -0.05 17.41 30.43
CA THR B 62 -1.02 16.69 29.62
C THR B 62 -0.35 15.59 28.80
N THR B 63 0.31 15.96 27.70
CA THR B 63 0.96 14.94 26.90
C THR B 63 2.18 14.34 27.62
N TYR B 64 2.75 15.06 28.58
CA TYR B 64 3.71 14.51 29.54
C TYR B 64 3.61 15.35 30.80
N THR B 65 4.24 14.86 31.85
CA THR B 65 4.25 15.53 33.13
C THR B 65 5.70 15.83 33.49
N GLY B 66 6.19 16.96 33.01
CA GLY B 66 7.57 17.31 33.26
C GLY B 66 7.80 18.74 32.85
N PHE B 67 9.03 19.20 33.07
CA PHE B 67 9.37 20.60 32.82
C PHE B 67 10.71 20.70 32.10
N GLN B 68 10.93 21.84 31.47
CA GLN B 68 12.12 22.08 30.68
C GLN B 68 12.81 23.34 31.21
N CYS B 69 14.11 23.24 31.39
CA CYS B 69 14.84 24.28 32.09
C CYS B 69 16.22 24.46 31.48
N THR B 70 16.73 25.67 31.63
CA THR B 70 18.06 26.04 31.16
C THR B 70 19.03 25.79 32.31
N ILE B 71 19.67 24.62 32.29
CA ILE B 71 20.73 24.29 33.23
C ILE B 71 21.82 23.55 32.46
N ASP B 72 23.02 23.52 33.05
CA ASP B 72 24.13 22.76 32.46
C ASP B 72 24.04 21.28 32.85
N GLU B 73 24.86 20.46 32.19
CA GLU B 73 24.76 19.02 32.41
C GLU B 73 25.07 18.66 33.85
N GLU B 74 26.09 19.30 34.43
CA GLU B 74 26.46 19.00 35.81
C GLU B 74 25.28 19.21 36.76
N THR B 75 24.49 20.27 36.55
CA THR B 75 23.34 20.52 37.43
C THR B 75 22.21 19.52 37.17
N SER B 76 22.01 19.12 35.91
CA SER B 76 20.94 18.19 35.58
C SER B 76 21.18 16.82 36.21
N GLU B 77 22.43 16.53 36.54
CA GLU B 77 22.76 15.30 37.24
C GLU B 77 22.20 15.31 38.66
N LYS B 78 22.08 16.48 39.27
CA LYS B 78 21.63 16.57 40.65
C LYS B 78 20.16 16.17 40.83
N PHE B 79 19.38 16.17 39.75
CA PHE B 79 17.97 15.79 39.80
C PHE B 79 17.76 14.29 39.88
N LYS B 80 18.76 13.50 39.51
CA LYS B 80 18.55 12.06 39.39
C LYS B 80 18.39 11.44 40.77
N GLY B 81 17.37 10.61 40.91
CA GLY B 81 17.05 10.02 42.19
C GLY B 81 16.31 10.92 43.15
N LEU B 82 15.94 12.12 42.73
CA LEU B 82 15.09 12.97 43.55
C LEU B 82 13.64 12.49 43.48
N PRO B 83 12.88 12.67 44.56
CA PRO B 83 11.48 12.23 44.58
C PRO B 83 10.71 12.69 43.35
N GLY B 84 10.06 11.74 42.70
CA GLY B 84 9.25 12.01 41.54
C GLY B 84 10.01 12.23 40.25
N VAL B 85 11.34 12.18 40.26
CA VAL B 85 12.11 12.43 39.05
C VAL B 85 12.33 11.10 38.34
N LEU B 86 11.69 10.95 37.18
CA LEU B 86 11.80 9.78 36.32
C LEU B 86 12.92 9.95 35.30
N TRP B 87 12.83 10.95 34.43
CA TRP B 87 13.77 11.09 33.32
C TRP B 87 14.51 12.42 33.41
N VAL B 88 15.81 12.36 33.16
CA VAL B 88 16.65 13.55 32.99
C VAL B 88 17.29 13.43 31.61
N LEU B 89 16.67 14.05 30.60
CA LEU B 89 16.94 13.98 29.17
C LEU B 89 17.28 15.35 28.60
N PRO B 90 18.27 15.42 27.70
CA PRO B 90 18.59 16.72 27.08
C PRO B 90 17.49 17.13 26.13
N ASP B 91 17.06 18.38 26.26
CA ASP B 91 15.96 18.86 25.45
C ASP B 91 16.39 19.08 24.00
N SER B 92 15.39 19.20 23.14
CA SER B 92 15.60 19.39 21.71
C SER B 92 14.41 20.16 21.15
N TYR B 93 14.63 20.80 20.00
CA TYR B 93 13.53 21.51 19.35
C TYR B 93 12.45 20.54 18.93
N ILE B 94 11.20 20.99 19.03
CA ILE B 94 10.08 20.30 18.39
C ILE B 94 9.77 20.89 17.02
N ASP B 95 9.89 22.21 16.90
CA ASP B 95 9.78 22.95 15.66
C ASP B 95 11.16 23.55 15.40
N VAL B 96 11.85 23.01 14.39
CA VAL B 96 13.23 23.43 14.15
C VAL B 96 13.26 24.81 13.54
N LYS B 97 12.26 25.14 12.71
CA LYS B 97 12.22 26.45 12.06
C LYS B 97 12.21 27.57 13.10
N ASN B 98 11.33 27.46 14.09
CA ASN B 98 11.10 28.50 15.08
C ASN B 98 11.98 28.37 16.32
N LYS B 99 12.93 27.43 16.33
CA LYS B 99 13.76 27.15 17.51
C LYS B 99 12.93 27.00 18.78
N ASP B 100 11.81 26.28 18.65
CA ASP B 100 10.83 26.10 19.72
C ASP B 100 11.02 24.74 20.40
N TYR B 101 11.28 24.75 21.70
CA TYR B 101 11.45 23.52 22.46
C TYR B 101 10.14 22.81 22.79
N GLY B 102 8.99 23.43 22.56
CA GLY B 102 7.73 22.77 22.79
C GLY B 102 7.14 22.94 24.18
N GLY B 103 5.96 22.36 24.36
CA GLY B 103 5.25 22.39 25.62
C GLY B 103 4.54 23.71 25.87
N ASP B 104 3.81 23.75 26.99
CA ASP B 104 3.30 25.01 27.49
C ASP B 104 4.47 25.88 27.93
N LYS B 105 4.42 27.17 27.59
CA LYS B 105 5.52 28.08 27.86
C LYS B 105 5.34 28.74 29.22
N TYR B 106 6.46 28.97 29.91
CA TYR B 106 6.48 29.64 31.20
C TYR B 106 7.47 30.80 31.11
N ILE B 107 6.94 32.02 31.08
CA ILE B 107 7.75 33.22 30.91
C ILE B 107 7.56 34.07 32.16
N ASN B 108 8.39 33.84 33.17
CA ASN B 108 8.42 34.66 34.39
C ASN B 108 7.08 34.66 35.12
N GLY B 109 6.37 33.52 35.08
CA GLY B 109 5.12 33.40 35.79
C GLY B 109 3.89 33.43 34.93
N GLU B 110 4.01 33.81 33.65
CA GLU B 110 2.87 33.73 32.74
C GLU B 110 2.93 32.45 31.94
N ILE B 111 1.79 31.79 31.82
CA ILE B 111 1.72 30.53 31.10
C ILE B 111 1.02 30.75 29.77
N ILE B 112 1.69 30.36 28.69
CA ILE B 112 1.11 30.37 27.36
C ILE B 112 0.99 28.93 26.87
N PRO B 113 -0.20 28.35 26.92
CA PRO B 113 -0.38 26.96 26.47
C PRO B 113 -0.07 26.80 24.99
N SER B 114 0.00 25.53 24.55
CA SER B 114 0.53 25.20 23.23
C SER B 114 -0.58 24.82 22.24
N THR B 115 -0.21 24.06 21.20
CA THR B 115 -1.09 23.48 20.18
C THR B 115 -0.31 22.52 19.27
N ILE C 7 -25.43 -16.05 9.03
CA ILE C 7 -26.68 -15.70 8.34
C ILE C 7 -26.71 -16.30 6.92
N MET C 8 -27.86 -16.25 6.28
CA MET C 8 -28.14 -17.10 5.14
C MET C 8 -29.20 -16.46 4.25
N LEU C 9 -29.05 -16.60 2.94
CA LEU C 9 -30.11 -16.26 2.01
C LEU C 9 -31.23 -17.28 2.10
N PRO C 10 -32.49 -16.84 2.14
CA PRO C 10 -33.61 -17.79 2.14
C PRO C 10 -33.45 -18.83 1.05
N GLY C 11 -33.51 -20.11 1.46
CA GLY C 11 -33.35 -21.24 0.57
C GLY C 11 -31.97 -21.88 0.61
N SER C 12 -30.96 -21.14 1.06
CA SER C 12 -29.60 -21.65 1.20
C SER C 12 -29.49 -22.61 2.39
N ASP C 13 -29.99 -23.83 2.25
CA ASP C 13 -29.87 -24.81 3.31
C ASP C 13 -28.64 -25.73 3.17
N TYR C 14 -27.72 -25.40 2.27
CA TYR C 14 -26.52 -26.22 1.99
C TYR C 14 -26.86 -27.66 1.61
N ASN C 15 -28.07 -27.89 1.13
CA ASN C 15 -28.39 -29.13 0.43
C ASN C 15 -28.88 -28.85 -0.97
N HIS C 16 -28.81 -27.60 -1.42
CA HIS C 16 -29.10 -27.24 -2.79
C HIS C 16 -27.90 -26.50 -3.32
N TRP C 17 -27.39 -26.93 -4.48
CA TRP C 17 -26.14 -26.43 -5.00
C TRP C 17 -26.29 -25.95 -6.44
N LEU C 18 -25.68 -24.80 -6.71
CA LEU C 18 -25.55 -24.24 -8.06
C LEU C 18 -24.16 -24.59 -8.59
N ILE C 19 -24.11 -25.37 -9.66
CA ILE C 19 -22.85 -25.80 -10.27
C ILE C 19 -22.76 -25.16 -11.65
N VAL C 20 -21.92 -24.13 -11.81
CA VAL C 20 -21.80 -23.47 -13.10
C VAL C 20 -20.58 -24.01 -13.84
N MET C 21 -20.78 -24.35 -15.10
CA MET C 21 -19.72 -24.94 -15.90
C MET C 21 -19.26 -23.95 -16.95
N GLU C 22 -18.11 -24.29 -17.54
CA GLU C 22 -17.50 -23.54 -18.62
C GLU C 22 -17.52 -24.40 -19.86
N PHE C 23 -18.02 -23.86 -20.96
CA PHE C 23 -18.03 -24.53 -22.24
C PHE C 23 -17.21 -23.72 -23.24
N PRO C 24 -16.71 -24.37 -24.28
CA PRO C 24 -16.03 -23.62 -25.36
C PRO C 24 -16.98 -22.63 -26.03
N LYS C 25 -16.39 -21.74 -26.84
CA LYS C 25 -17.11 -20.64 -27.46
C LYS C 25 -17.17 -20.69 -28.97
N ASP C 26 -16.17 -21.28 -29.63
CA ASP C 26 -16.11 -21.32 -31.08
C ASP C 26 -16.01 -22.76 -31.56
N PRO C 27 -17.17 -23.43 -31.74
CA PRO C 27 -18.50 -22.91 -31.42
C PRO C 27 -18.97 -23.33 -30.04
N ALA C 28 -20.10 -22.82 -29.65
CA ALA C 28 -20.71 -23.31 -28.43
C ALA C 28 -21.31 -24.69 -28.65
N PRO C 29 -21.30 -25.54 -27.63
CA PRO C 29 -22.08 -26.77 -27.68
C PRO C 29 -23.56 -26.44 -27.77
N SER C 30 -24.33 -27.35 -28.36
CA SER C 30 -25.77 -27.17 -28.40
C SER C 30 -26.37 -27.16 -27.00
N ARG C 31 -27.61 -26.68 -26.90
CA ARG C 31 -28.32 -26.75 -25.62
C ARG C 31 -28.40 -28.18 -25.11
N ASP C 32 -28.68 -29.13 -25.99
CA ASP C 32 -28.76 -30.51 -25.53
C ASP C 32 -27.40 -30.99 -25.05
N GLN C 33 -26.33 -30.55 -25.71
CA GLN C 33 -24.99 -30.94 -25.29
C GLN C 33 -24.65 -30.37 -23.91
N MET C 34 -25.07 -29.13 -23.63
CA MET C 34 -24.81 -28.54 -22.32
C MET C 34 -25.56 -29.29 -21.23
N ILE C 35 -26.84 -29.60 -21.48
CA ILE C 35 -27.61 -30.34 -20.49
C ILE C 35 -27.01 -31.72 -20.27
N ASP C 36 -26.62 -32.39 -21.36
CA ASP C 36 -25.97 -33.68 -21.22
C ASP C 36 -24.70 -33.56 -20.38
N THR C 37 -23.92 -32.50 -20.60
CA THR C 37 -22.75 -32.27 -19.75
C THR C 37 -23.12 -32.13 -18.28
N TYR C 38 -24.20 -31.40 -17.97
CA TYR C 38 -24.66 -31.31 -16.58
C TYR C 38 -24.96 -32.69 -16.00
N LEU C 39 -25.75 -33.49 -16.70
CA LEU C 39 -26.13 -34.80 -16.18
C LEU C 39 -24.93 -35.72 -16.00
N ASN C 40 -24.06 -35.81 -17.01
CA ASN C 40 -22.88 -36.65 -16.84
C ASN C 40 -21.99 -36.16 -15.71
N THR C 41 -21.82 -34.84 -15.58
CA THR C 41 -21.02 -34.33 -14.47
C THR C 41 -21.64 -34.73 -13.13
N LEU C 42 -22.94 -34.52 -12.98
CA LEU C 42 -23.60 -34.88 -11.73
C LEU C 42 -23.60 -36.39 -11.53
N ALA C 43 -23.76 -37.16 -12.62
CA ALA C 43 -23.70 -38.62 -12.53
C ALA C 43 -22.32 -39.08 -12.04
N THR C 44 -21.25 -38.42 -12.49
CA THR C 44 -19.91 -38.71 -11.98
C THR C 44 -19.88 -38.64 -10.44
N VAL C 45 -20.37 -37.54 -9.87
CA VAL C 45 -20.28 -37.36 -8.41
C VAL C 45 -21.19 -38.36 -7.68
N LEU C 46 -22.39 -38.60 -8.20
CA LEU C 46 -23.35 -39.43 -7.46
C LEU C 46 -23.13 -40.93 -7.65
N GLY C 47 -22.58 -41.34 -8.78
CA GLY C 47 -22.30 -42.73 -9.04
C GLY C 47 -23.26 -43.41 -9.99
N SER C 48 -24.27 -42.71 -10.48
CA SER C 48 -25.18 -43.26 -11.46
C SER C 48 -25.86 -42.12 -12.20
N MET C 49 -26.14 -42.35 -13.48
CA MET C 49 -26.98 -41.42 -14.23
C MET C 49 -28.40 -41.41 -13.67
N GLU C 50 -28.89 -42.56 -13.21
CA GLU C 50 -30.22 -42.62 -12.62
C GLU C 50 -30.36 -41.64 -11.46
N GLU C 51 -29.31 -41.52 -10.64
CA GLU C 51 -29.36 -40.58 -9.51
C GLU C 51 -29.11 -39.14 -9.92
N ALA C 52 -28.46 -38.89 -11.06
CA ALA C 52 -28.28 -37.53 -11.52
C ALA C 52 -29.60 -36.93 -12.02
N LYS C 53 -30.36 -37.68 -12.81
CA LYS C 53 -31.65 -37.20 -13.28
C LYS C 53 -32.62 -37.02 -12.11
N LYS C 54 -32.42 -37.79 -11.04
CA LYS C 54 -33.29 -37.70 -9.89
C LYS C 54 -33.13 -36.36 -9.17
N ASN C 55 -31.89 -35.86 -9.11
CA ASN C 55 -31.54 -34.80 -8.18
C ASN C 55 -31.17 -33.49 -8.86
N MET C 56 -31.22 -33.39 -10.18
CA MET C 56 -31.06 -32.13 -10.87
C MET C 56 -32.43 -31.53 -11.09
N TYR C 57 -32.77 -30.49 -10.32
CA TYR C 57 -34.10 -29.89 -10.37
C TYR C 57 -34.17 -28.64 -11.24
N ALA C 58 -33.04 -28.07 -11.63
CA ALA C 58 -33.07 -26.92 -12.52
C ALA C 58 -31.69 -26.73 -13.13
N PHE C 59 -31.62 -25.80 -14.07
CA PHE C 59 -30.41 -25.54 -14.85
C PHE C 59 -30.69 -24.31 -15.73
N SER C 60 -29.68 -23.91 -16.48
CA SER C 60 -29.81 -22.90 -17.51
C SER C 60 -28.70 -23.14 -18.51
N THR C 61 -28.94 -22.78 -19.77
CA THR C 61 -27.89 -22.74 -20.78
C THR C 61 -27.85 -21.38 -21.43
N THR C 62 -28.57 -20.41 -20.86
CA THR C 62 -28.70 -19.06 -21.41
C THR C 62 -28.23 -18.00 -20.43
N THR C 63 -29.00 -17.69 -19.39
CA THR C 63 -28.60 -16.69 -18.40
C THR C 63 -27.25 -17.02 -17.78
N TYR C 64 -27.06 -18.29 -17.44
CA TYR C 64 -25.79 -18.86 -17.00
C TYR C 64 -25.71 -20.25 -17.63
N THR C 65 -24.52 -20.86 -17.60
CA THR C 65 -24.40 -22.24 -18.08
C THR C 65 -24.01 -23.13 -16.90
N GLY C 66 -25.02 -23.48 -16.09
CA GLY C 66 -24.86 -24.32 -14.94
C GLY C 66 -26.16 -25.00 -14.60
N PHE C 67 -26.16 -25.77 -13.51
CA PHE C 67 -27.31 -26.57 -13.11
C PHE C 67 -27.42 -26.56 -11.59
N GLN C 68 -28.58 -27.01 -11.11
CA GLN C 68 -28.91 -26.93 -9.69
C GLN C 68 -29.43 -28.28 -9.21
N CYS C 69 -28.85 -28.77 -8.11
CA CYS C 69 -29.10 -30.14 -7.71
C CYS C 69 -29.23 -30.24 -6.20
N THR C 70 -30.03 -31.22 -5.78
CA THR C 70 -30.15 -31.57 -4.36
C THR C 70 -29.06 -32.57 -4.04
N ILE C 71 -27.99 -32.07 -3.42
CA ILE C 71 -26.92 -32.89 -2.86
C ILE C 71 -26.53 -32.23 -1.55
N ASP C 72 -25.94 -33.02 -0.65
CA ASP C 72 -25.41 -32.43 0.57
C ASP C 72 -24.10 -31.72 0.26
N GLU C 73 -23.52 -31.10 1.30
CA GLU C 73 -22.36 -30.23 1.13
C GLU C 73 -21.08 -31.02 0.90
N GLU C 74 -20.90 -32.15 1.59
CA GLU C 74 -19.68 -32.92 1.38
C GLU C 74 -19.69 -33.59 0.01
N THR C 75 -20.88 -33.88 -0.52
CA THR C 75 -21.00 -34.33 -1.90
C THR C 75 -20.63 -33.21 -2.87
N SER C 76 -21.00 -31.96 -2.55
CA SER C 76 -20.78 -30.87 -3.50
C SER C 76 -19.30 -30.53 -3.62
N GLU C 77 -18.51 -30.76 -2.57
CA GLU C 77 -17.06 -30.58 -2.67
C GLU C 77 -16.43 -31.50 -3.70
N LYS C 78 -17.07 -32.65 -3.99
CA LYS C 78 -16.52 -33.57 -4.98
C LYS C 78 -16.56 -32.99 -6.39
N PHE C 79 -17.37 -31.94 -6.62
CA PHE C 79 -17.40 -31.30 -7.92
C PHE C 79 -16.17 -30.48 -8.19
N LYS C 80 -15.46 -30.03 -7.16
CA LYS C 80 -14.34 -29.15 -7.37
C LYS C 80 -13.18 -29.92 -7.98
N GLY C 81 -12.49 -29.27 -8.92
CA GLY C 81 -11.44 -29.90 -9.69
C GLY C 81 -11.90 -30.70 -10.89
N LEU C 82 -13.18 -31.04 -10.97
CA LEU C 82 -13.68 -31.79 -12.11
C LEU C 82 -13.61 -30.94 -13.37
N PRO C 83 -13.32 -31.55 -14.51
CA PRO C 83 -13.29 -30.80 -15.78
C PRO C 83 -14.56 -29.96 -15.95
N GLY C 84 -14.39 -28.74 -16.44
CA GLY C 84 -15.51 -27.88 -16.76
C GLY C 84 -16.22 -27.21 -15.60
N VAL C 85 -15.91 -27.60 -14.36
CA VAL C 85 -16.62 -27.04 -13.20
C VAL C 85 -15.97 -25.71 -12.79
N LEU C 86 -16.70 -24.63 -13.00
CA LEU C 86 -16.25 -23.30 -12.60
C LEU C 86 -16.59 -22.99 -11.14
N TRP C 87 -17.87 -23.06 -10.78
CA TRP C 87 -18.31 -22.62 -9.46
C TRP C 87 -19.19 -23.68 -8.80
N VAL C 88 -18.98 -23.86 -7.50
CA VAL C 88 -19.78 -24.73 -6.65
C VAL C 88 -20.35 -23.83 -5.56
N LEU C 89 -21.60 -23.41 -5.73
CA LEU C 89 -22.14 -22.39 -4.87
C LEU C 89 -23.47 -22.82 -4.26
N PRO C 90 -23.71 -22.51 -2.99
CA PRO C 90 -24.99 -22.86 -2.35
C PRO C 90 -26.15 -22.14 -3.04
N ASP C 91 -27.14 -22.91 -3.47
CA ASP C 91 -28.26 -22.30 -4.19
C ASP C 91 -29.11 -21.48 -3.23
N SER C 92 -29.91 -20.59 -3.81
CA SER C 92 -30.73 -19.68 -3.02
C SER C 92 -32.06 -19.46 -3.73
N TYR C 93 -33.09 -19.15 -2.96
CA TYR C 93 -34.39 -18.83 -3.54
C TYR C 93 -34.30 -17.58 -4.40
N ILE C 94 -34.89 -17.64 -5.60
CA ILE C 94 -35.12 -16.44 -6.39
C ILE C 94 -36.50 -15.83 -6.09
N ASP C 95 -37.42 -16.60 -5.50
CA ASP C 95 -38.73 -16.15 -5.05
C ASP C 95 -38.94 -16.82 -3.70
N VAL C 96 -38.96 -16.05 -2.62
CA VAL C 96 -39.04 -16.72 -1.32
C VAL C 96 -40.44 -17.27 -1.06
N LYS C 97 -41.49 -16.57 -1.51
CA LYS C 97 -42.88 -17.02 -1.36
C LYS C 97 -43.07 -18.46 -1.82
N ASN C 98 -42.87 -18.70 -3.11
CA ASN C 98 -42.93 -20.04 -3.69
C ASN C 98 -41.79 -20.93 -3.21
N LYS C 99 -40.80 -20.39 -2.48
CA LYS C 99 -39.62 -21.16 -2.08
C LYS C 99 -38.97 -21.86 -3.26
N ASP C 100 -38.83 -21.15 -4.39
CA ASP C 100 -38.41 -21.77 -5.64
C ASP C 100 -37.10 -21.16 -6.13
N TYR C 101 -36.23 -22.02 -6.62
CA TYR C 101 -34.86 -21.67 -6.89
C TYR C 101 -34.64 -21.11 -8.28
N GLY C 102 -35.67 -21.07 -9.10
CA GLY C 102 -35.51 -20.56 -10.46
C GLY C 102 -34.76 -21.49 -11.41
N GLY C 103 -34.52 -20.95 -12.60
CA GLY C 103 -33.95 -21.71 -13.70
C GLY C 103 -35.03 -22.46 -14.48
N ASP C 104 -34.62 -22.98 -15.63
CA ASP C 104 -35.46 -23.94 -16.34
C ASP C 104 -35.60 -25.21 -15.49
N LYS C 105 -36.84 -25.65 -15.30
CA LYS C 105 -37.10 -26.77 -14.40
C LYS C 105 -36.72 -28.10 -15.06
N TYR C 106 -36.15 -29.00 -14.26
CA TYR C 106 -35.92 -30.39 -14.65
C TYR C 106 -36.66 -31.30 -13.68
N ILE C 107 -37.72 -31.95 -14.16
CA ILE C 107 -38.44 -32.90 -13.32
C ILE C 107 -37.71 -34.24 -13.29
N ASN C 108 -37.44 -34.81 -14.48
CA ASN C 108 -36.89 -36.15 -14.63
C ASN C 108 -36.93 -36.53 -16.10
N GLY C 109 -36.61 -35.56 -16.96
CA GLY C 109 -36.84 -35.64 -18.40
C GLY C 109 -37.74 -34.54 -18.91
N GLU C 110 -38.59 -34.00 -18.03
CA GLU C 110 -39.53 -32.94 -18.39
C GLU C 110 -38.80 -31.59 -18.38
N ILE C 111 -38.60 -31.01 -19.55
CA ILE C 111 -38.00 -29.68 -19.69
C ILE C 111 -39.13 -28.69 -19.94
N ILE C 112 -39.49 -27.93 -18.92
CA ILE C 112 -40.41 -26.83 -19.07
C ILE C 112 -39.63 -25.53 -18.81
N PRO C 113 -39.36 -24.71 -19.85
CA PRO C 113 -38.55 -23.48 -19.66
C PRO C 113 -39.18 -22.48 -18.69
N SER C 114 -38.56 -21.30 -18.57
CA SER C 114 -39.09 -20.28 -17.67
C SER C 114 -39.26 -18.93 -18.36
N PRO D 15 -41.11 4.52 -3.80
CA PRO D 15 -39.89 4.04 -3.15
C PRO D 15 -39.00 3.29 -4.14
N THR D 16 -37.95 3.95 -4.63
CA THR D 16 -37.23 3.48 -5.80
C THR D 16 -36.17 2.45 -5.44
N VAL D 17 -35.55 1.89 -6.48
CA VAL D 17 -34.35 1.08 -6.29
C VAL D 17 -33.28 1.90 -5.60
N VAL D 18 -33.18 3.19 -5.95
CA VAL D 18 -32.15 4.04 -5.38
C VAL D 18 -32.37 4.26 -3.88
N THR D 19 -33.63 4.44 -3.46
CA THR D 19 -33.88 4.65 -2.03
C THR D 19 -33.73 3.36 -1.23
N TYR D 20 -34.05 2.19 -1.81
CA TYR D 20 -33.73 0.93 -1.13
C TYR D 20 -32.24 0.69 -1.04
N ASN D 21 -31.50 1.03 -2.10
CA ASN D 21 -30.05 0.86 -2.08
C ASN D 21 -29.36 1.79 -1.11
N THR D 22 -29.89 3.00 -0.93
CA THR D 22 -29.23 3.93 0.00
C THR D 22 -29.30 3.39 1.41
N LEU D 23 -30.41 2.74 1.73
CA LEU D 23 -30.56 2.14 3.04
C LEU D 23 -29.59 0.97 3.23
N ILE D 24 -29.61 0.01 2.30
CA ILE D 24 -28.76 -1.17 2.41
C ILE D 24 -27.30 -0.74 2.56
N ASP D 25 -26.87 0.24 1.75
CA ASP D 25 -25.49 0.70 1.83
C ASP D 25 -25.13 1.16 3.24
N GLY D 26 -25.95 2.05 3.82
CA GLY D 26 -25.71 2.50 5.17
C GLY D 26 -25.65 1.34 6.17
N LEU D 27 -26.63 0.44 6.11
CA LEU D 27 -26.61 -0.74 6.97
C LEU D 27 -25.37 -1.57 6.73
N CYS D 28 -24.94 -1.68 5.45
CA CYS D 28 -23.74 -2.45 5.12
C CYS D 28 -22.50 -1.81 5.69
N LYS D 29 -22.36 -0.48 5.58
CA LYS D 29 -21.16 0.18 6.10
C LYS D 29 -21.11 0.16 7.62
N ALA D 30 -22.25 -0.04 8.29
CA ALA D 30 -22.30 -0.15 9.75
C ALA D 30 -22.21 -1.60 10.23
N GLY D 31 -21.85 -2.54 9.35
CA GLY D 31 -21.72 -3.92 9.75
C GLY D 31 -23.02 -4.69 9.90
N LYS D 32 -24.18 -4.08 9.64
CA LYS D 32 -25.47 -4.68 9.98
C LYS D 32 -26.00 -5.54 8.82
N LEU D 33 -25.32 -6.67 8.62
CA LEU D 33 -25.65 -7.52 7.47
C LEU D 33 -27.03 -8.14 7.60
N ASP D 34 -27.45 -8.47 8.83
CA ASP D 34 -28.76 -9.08 8.98
C ASP D 34 -29.85 -8.11 8.55
N GLU D 35 -29.73 -6.84 8.97
CA GLU D 35 -30.75 -5.89 8.56
C GLU D 35 -30.62 -5.55 7.07
N ALA D 36 -29.39 -5.51 6.56
CA ALA D 36 -29.21 -5.25 5.13
C ALA D 36 -29.89 -6.34 4.30
N LEU D 37 -29.69 -7.61 4.68
CA LEU D 37 -30.30 -8.68 3.90
C LEU D 37 -31.83 -8.66 3.98
N LYS D 38 -32.39 -8.40 5.17
CA LYS D 38 -33.84 -8.27 5.27
C LYS D 38 -34.37 -7.22 4.29
N LEU D 39 -33.67 -6.10 4.17
CA LEU D 39 -34.04 -5.12 3.18
C LEU D 39 -33.95 -5.67 1.77
N PHE D 40 -32.81 -6.32 1.45
CA PHE D 40 -32.65 -6.96 0.15
C PHE D 40 -33.86 -7.83 -0.17
N GLU D 41 -34.17 -8.79 0.70
CA GLU D 41 -35.25 -9.73 0.44
C GLU D 41 -36.60 -9.05 0.38
N GLU D 42 -36.74 -7.91 1.04
CA GLU D 42 -38.01 -7.19 1.00
C GLU D 42 -38.21 -6.52 -0.34
N MET D 43 -37.18 -5.85 -0.86
CA MET D 43 -37.34 -5.22 -2.16
C MET D 43 -37.47 -6.26 -3.27
N VAL D 44 -36.82 -7.42 -3.11
CA VAL D 44 -37.04 -8.53 -4.04
C VAL D 44 -38.48 -8.98 -4.01
N GLU D 45 -38.99 -9.21 -2.80
CA GLU D 45 -40.38 -9.59 -2.62
C GLU D 45 -41.33 -8.57 -3.28
N LYS D 46 -41.07 -7.27 -3.12
CA LYS D 46 -41.94 -6.25 -3.71
C LYS D 46 -41.68 -6.01 -5.19
N GLY D 47 -40.95 -6.89 -5.87
CA GLY D 47 -40.75 -6.73 -7.30
C GLY D 47 -39.80 -5.63 -7.71
N ILE D 48 -39.01 -5.13 -6.79
CA ILE D 48 -38.01 -4.10 -7.09
C ILE D 48 -36.68 -4.82 -7.24
N LYS D 49 -36.13 -4.78 -8.45
CA LYS D 49 -34.97 -5.61 -8.78
C LYS D 49 -33.70 -5.05 -8.12
N PRO D 50 -32.89 -5.89 -7.48
CA PRO D 50 -31.55 -5.45 -7.07
C PRO D 50 -30.74 -5.05 -8.30
N ASP D 51 -29.60 -4.41 -8.05
CA ASP D 51 -28.79 -3.97 -9.17
C ASP D 51 -27.32 -4.00 -8.76
N GLU D 52 -26.49 -3.44 -9.64
CA GLU D 52 -25.06 -3.20 -9.40
C GLU D 52 -24.76 -2.75 -7.98
N PHE D 53 -25.37 -1.63 -7.55
CA PHE D 53 -25.05 -1.09 -6.24
C PHE D 53 -25.43 -2.06 -5.14
N THR D 54 -26.59 -2.72 -5.27
CA THR D 54 -27.03 -3.64 -4.23
C THR D 54 -26.01 -4.74 -4.01
N PHE D 55 -25.70 -5.50 -5.07
CA PHE D 55 -24.76 -6.60 -4.92
C PHE D 55 -23.40 -6.11 -4.49
N SER D 56 -22.95 -4.99 -5.06
CA SER D 56 -21.62 -4.51 -4.72
C SER D 56 -21.56 -3.98 -3.29
N SER D 57 -22.66 -3.38 -2.81
CA SER D 57 -22.75 -2.96 -1.41
C SER D 57 -22.64 -4.16 -0.47
N VAL D 58 -23.49 -5.16 -0.67
CA VAL D 58 -23.42 -6.36 0.16
C VAL D 58 -22.04 -7.02 0.10
N LEU D 59 -21.47 -7.15 -1.11
CA LEU D 59 -20.19 -7.86 -1.23
C LEU D 59 -19.07 -7.12 -0.49
N LYS D 60 -19.07 -5.79 -0.57
CA LYS D 60 -18.05 -5.00 0.12
C LYS D 60 -18.08 -5.26 1.63
N ALA D 61 -19.29 -5.33 2.22
CA ALA D 61 -19.39 -5.69 3.63
C ALA D 61 -18.90 -7.11 3.88
N CYS D 62 -19.29 -8.07 3.02
CA CYS D 62 -18.78 -9.43 3.18
C CYS D 62 -17.26 -9.45 3.18
N ALA D 63 -16.64 -8.58 2.39
CA ALA D 63 -15.19 -8.55 2.32
C ALA D 63 -14.58 -7.98 3.60
N ARG D 64 -15.18 -6.91 4.14
CA ARG D 64 -14.72 -6.32 5.40
C ARG D 64 -14.79 -7.33 6.55
N LEU D 65 -15.87 -8.09 6.62
CA LEU D 65 -16.14 -8.96 7.76
C LEU D 65 -15.73 -10.40 7.54
N GLY D 66 -15.24 -10.75 6.36
CA GLY D 66 -14.97 -12.15 6.07
C GLY D 66 -16.20 -13.02 6.03
N ALA D 67 -17.35 -12.44 5.70
CA ALA D 67 -18.56 -13.23 5.51
C ALA D 67 -18.49 -14.00 4.19
N LEU D 68 -17.53 -14.94 4.10
CA LEU D 68 -17.31 -15.74 2.90
C LEU D 68 -18.60 -16.41 2.44
N GLU D 69 -19.32 -17.04 3.37
CA GLU D 69 -20.44 -17.87 2.97
C GLU D 69 -21.55 -17.03 2.35
N LEU D 70 -21.90 -15.90 2.96
CA LEU D 70 -22.86 -14.99 2.35
C LEU D 70 -22.35 -14.47 1.01
N GLY D 71 -21.07 -14.07 0.96
CA GLY D 71 -20.43 -13.80 -0.31
C GLY D 71 -20.69 -14.86 -1.35
N LYS D 72 -20.50 -16.14 -0.98
CA LYS D 72 -20.68 -17.20 -1.96
C LYS D 72 -22.13 -17.37 -2.37
N GLN D 73 -23.07 -17.07 -1.45
CA GLN D 73 -24.47 -17.18 -1.80
C GLN D 73 -24.92 -16.02 -2.70
N ILE D 74 -24.51 -14.80 -2.35
CA ILE D 74 -24.73 -13.64 -3.22
C ILE D 74 -24.18 -13.91 -4.61
N HIS D 75 -22.92 -14.37 -4.67
CA HIS D 75 -22.30 -14.76 -5.94
C HIS D 75 -23.25 -15.66 -6.73
N GLY D 76 -23.76 -16.72 -6.10
CA GLY D 76 -24.81 -17.51 -6.71
C GLY D 76 -25.96 -16.66 -7.21
N TYR D 77 -26.46 -15.77 -6.35
CA TYR D 77 -27.59 -14.94 -6.73
C TYR D 77 -27.22 -14.00 -7.88
N VAL D 78 -26.01 -13.44 -7.82
CA VAL D 78 -25.48 -12.62 -8.91
C VAL D 78 -25.53 -13.37 -10.25
N ILE D 79 -25.06 -14.61 -10.27
CA ILE D 79 -25.03 -15.36 -11.52
C ILE D 79 -26.45 -15.66 -12.00
N LYS D 80 -27.34 -16.06 -11.09
CA LYS D 80 -28.67 -16.48 -11.54
C LYS D 80 -29.49 -15.32 -12.09
N SER D 81 -29.20 -14.09 -11.70
CA SER D 81 -29.98 -12.95 -12.16
C SER D 81 -29.26 -12.15 -13.26
N GLY D 82 -28.37 -12.80 -13.99
CA GLY D 82 -27.84 -12.26 -15.23
C GLY D 82 -26.75 -11.23 -15.12
N PHE D 83 -25.99 -11.19 -14.02
CA PHE D 83 -24.97 -10.17 -13.84
C PHE D 83 -23.55 -10.68 -14.04
N GLU D 84 -23.37 -11.89 -14.56
CA GLU D 84 -22.04 -12.34 -14.97
C GLU D 84 -21.39 -11.29 -15.85
N GLY D 85 -20.15 -10.93 -15.50
CA GLY D 85 -19.38 -10.00 -16.29
C GLY D 85 -19.52 -8.55 -15.90
N ASN D 86 -20.56 -8.17 -15.17
CA ASN D 86 -20.72 -6.79 -14.70
C ASN D 86 -19.48 -6.33 -13.91
N VAL D 87 -18.87 -5.24 -14.37
CA VAL D 87 -17.57 -4.83 -13.83
C VAL D 87 -17.66 -4.49 -12.34
N VAL D 88 -18.65 -3.67 -11.96
CA VAL D 88 -18.74 -3.23 -10.56
C VAL D 88 -18.93 -4.44 -9.64
N VAL D 89 -19.87 -5.32 -9.98
CA VAL D 89 -20.13 -6.53 -9.20
C VAL D 89 -18.90 -7.42 -9.17
N TYR D 90 -18.30 -7.66 -10.35
CA TYR D 90 -17.23 -8.66 -10.39
C TYR D 90 -15.94 -8.11 -9.78
N ASN D 91 -15.69 -6.81 -9.88
CA ASN D 91 -14.61 -6.25 -9.07
C ASN D 91 -14.82 -6.53 -7.59
N ALA D 92 -16.05 -6.33 -7.10
CA ALA D 92 -16.34 -6.63 -5.70
C ALA D 92 -16.20 -8.11 -5.41
N LEU D 93 -16.64 -8.99 -6.32
CA LEU D 93 -16.37 -10.41 -6.16
C LEU D 93 -14.88 -10.68 -5.97
N ILE D 94 -14.03 -10.05 -6.78
CA ILE D 94 -12.57 -10.22 -6.66
C ILE D 94 -12.10 -9.74 -5.30
N ASP D 95 -12.57 -8.57 -4.87
CA ASP D 95 -12.13 -8.04 -3.59
C ASP D 95 -12.61 -8.92 -2.44
N MET D 96 -13.82 -9.48 -2.56
CA MET D 96 -14.39 -10.29 -1.48
C MET D 96 -13.64 -11.62 -1.35
N TYR D 97 -13.49 -12.36 -2.45
CA TYR D 97 -12.72 -13.60 -2.40
C TYR D 97 -11.29 -13.34 -1.94
N SER D 98 -10.72 -12.22 -2.35
CA SER D 98 -9.34 -11.89 -2.00
C SER D 98 -9.19 -11.70 -0.49
N LYS D 99 -10.03 -10.82 0.12
CA LYS D 99 -9.95 -10.55 1.56
C LYS D 99 -10.44 -11.70 2.42
N CYS D 100 -11.10 -12.70 1.83
CA CYS D 100 -11.44 -13.92 2.55
C CYS D 100 -10.39 -15.00 2.34
N GLY D 101 -9.26 -14.66 1.74
CA GLY D 101 -8.13 -15.55 1.64
C GLY D 101 -8.11 -16.46 0.43
N LEU D 102 -9.07 -16.33 -0.48
CA LEU D 102 -9.32 -17.30 -1.55
C LEU D 102 -8.86 -16.74 -2.91
N LEU D 103 -7.56 -16.78 -3.16
CA LEU D 103 -7.08 -16.07 -4.35
C LEU D 103 -7.28 -16.87 -5.64
N GLU D 104 -7.34 -18.20 -5.58
CA GLU D 104 -7.70 -18.96 -6.78
C GLU D 104 -9.11 -18.57 -7.24
N GLU D 105 -10.01 -18.35 -6.29
CA GLU D 105 -11.37 -17.91 -6.61
C GLU D 105 -11.38 -16.47 -7.14
N ALA D 106 -10.59 -15.60 -6.51
CA ALA D 106 -10.45 -14.23 -7.04
C ALA D 106 -10.02 -14.25 -8.48
N ARG D 107 -9.02 -15.09 -8.81
CA ARG D 107 -8.51 -15.17 -10.17
C ARG D 107 -9.54 -15.73 -11.14
N LYS D 108 -10.26 -16.79 -10.74
CA LYS D 108 -11.36 -17.29 -11.58
C LYS D 108 -12.34 -16.18 -11.96
N VAL D 109 -12.72 -15.33 -10.99
CA VAL D 109 -13.63 -14.24 -11.27
C VAL D 109 -13.01 -13.30 -12.28
N PHE D 110 -11.72 -13.03 -12.11
CA PHE D 110 -10.97 -12.18 -13.02
C PHE D 110 -10.96 -12.77 -14.44
N ASP D 111 -10.55 -14.05 -14.58
CA ASP D 111 -10.40 -14.67 -15.89
C ASP D 111 -11.70 -14.74 -16.68
N GLU D 112 -12.81 -14.56 -15.99
CA GLU D 112 -14.15 -14.64 -16.52
C GLU D 112 -14.68 -13.27 -16.95
N MET D 113 -14.02 -12.20 -16.58
CA MET D 113 -14.50 -10.87 -16.91
C MET D 113 -14.10 -10.49 -18.33
N PRO D 114 -15.05 -10.28 -19.23
CA PRO D 114 -14.68 -9.84 -20.59
C PRO D 114 -14.14 -8.43 -20.64
N GLU D 115 -14.63 -7.53 -19.78
CA GLU D 115 -14.11 -6.18 -19.65
C GLU D 115 -13.34 -6.05 -18.34
N LYS D 116 -12.16 -5.44 -18.42
CA LYS D 116 -11.34 -5.15 -17.24
C LYS D 116 -10.85 -3.71 -17.35
N ASP D 117 -11.00 -2.95 -16.29
CA ASP D 117 -10.40 -1.62 -16.22
C ASP D 117 -9.20 -1.65 -15.26
N VAL D 118 -8.53 -0.50 -15.13
CA VAL D 118 -7.40 -0.41 -14.21
C VAL D 118 -7.81 -0.78 -12.79
N VAL D 119 -9.09 -0.60 -12.45
CA VAL D 119 -9.53 -0.97 -11.11
C VAL D 119 -9.59 -2.47 -10.96
N THR D 120 -10.06 -3.17 -12.01
CA THR D 120 -10.06 -4.63 -11.99
C THR D 120 -8.67 -5.18 -11.70
N TYR D 121 -7.67 -4.74 -12.50
CA TYR D 121 -6.30 -5.21 -12.30
C TYR D 121 -5.78 -4.83 -10.92
N ASN D 122 -5.98 -3.56 -10.52
CA ASN D 122 -5.46 -3.09 -9.23
C ASN D 122 -6.02 -3.92 -8.09
N THR D 123 -7.29 -4.31 -8.16
CA THR D 123 -7.89 -5.08 -7.08
C THR D 123 -7.22 -6.45 -6.95
N LEU D 124 -7.02 -7.13 -8.07
CA LEU D 124 -6.40 -8.45 -7.99
C LEU D 124 -4.92 -8.36 -7.71
N ILE D 125 -4.25 -7.31 -8.18
CA ILE D 125 -2.84 -7.11 -7.84
C ILE D 125 -2.70 -6.90 -6.33
N ASP D 126 -3.55 -6.07 -5.73
CA ASP D 126 -3.43 -5.77 -4.30
C ASP D 126 -3.70 -6.99 -3.44
N GLY D 127 -4.64 -7.85 -3.85
CA GLY D 127 -4.86 -9.10 -3.15
C GLY D 127 -3.67 -10.04 -3.21
N LEU D 128 -3.06 -10.16 -4.40
CA LEU D 128 -1.91 -11.05 -4.57
C LEU D 128 -0.71 -10.58 -3.76
N CYS D 129 -0.48 -9.26 -3.73
CA CYS D 129 0.68 -8.75 -3.00
C CYS D 129 0.51 -9.02 -1.51
N LYS D 130 -0.70 -8.83 -0.99
CA LYS D 130 -0.93 -9.12 0.43
C LYS D 130 -0.78 -10.60 0.74
N ALA D 131 -0.95 -11.50 -0.23
CA ALA D 131 -0.75 -12.93 0.01
C ALA D 131 0.67 -13.41 -0.25
N GLY D 132 1.60 -12.54 -0.60
CA GLY D 132 2.94 -13.00 -0.90
C GLY D 132 3.07 -13.70 -2.22
N LYS D 133 2.01 -13.74 -3.01
CA LYS D 133 2.06 -14.30 -4.36
C LYS D 133 2.55 -13.21 -5.33
N LEU D 134 3.86 -12.93 -5.23
CA LEU D 134 4.45 -11.76 -5.89
C LEU D 134 4.72 -12.01 -7.36
N ASP D 135 5.17 -13.21 -7.72
CA ASP D 135 5.33 -13.56 -9.14
C ASP D 135 4.05 -13.35 -9.93
N GLU D 136 2.91 -13.83 -9.41
CA GLU D 136 1.69 -13.70 -10.18
C GLU D 136 1.28 -12.25 -10.33
N ALA D 137 1.67 -11.40 -9.38
CA ALA D 137 1.34 -9.98 -9.47
C ALA D 137 2.15 -9.30 -10.56
N LEU D 138 3.42 -9.68 -10.70
CA LEU D 138 4.26 -9.06 -11.74
C LEU D 138 3.85 -9.55 -13.12
N LYS D 139 3.56 -10.85 -13.24
CA LYS D 139 3.03 -11.40 -14.50
C LYS D 139 1.71 -10.75 -14.86
N LEU D 140 0.90 -10.42 -13.87
CA LEU D 140 -0.37 -9.75 -14.12
C LEU D 140 -0.14 -8.30 -14.54
N PHE D 141 0.80 -7.62 -13.91
CA PHE D 141 1.17 -6.27 -14.33
C PHE D 141 1.66 -6.26 -15.78
N GLU D 142 2.57 -7.17 -16.12
CA GLU D 142 3.02 -7.29 -17.51
C GLU D 142 1.84 -7.47 -18.45
N GLU D 143 0.92 -8.37 -18.11
CA GLU D 143 -0.28 -8.60 -18.89
C GLU D 143 -1.10 -7.31 -19.05
N MET D 144 -1.26 -6.56 -17.98
CA MET D 144 -1.99 -5.31 -18.06
C MET D 144 -1.33 -4.34 -19.03
N VAL D 145 0.01 -4.23 -18.98
CA VAL D 145 0.68 -3.38 -19.96
C VAL D 145 0.51 -3.93 -21.37
N GLU D 146 0.65 -5.25 -21.54
CA GLU D 146 0.50 -5.88 -22.85
C GLU D 146 -0.85 -5.56 -23.49
N LYS D 147 -1.91 -5.49 -22.69
CA LYS D 147 -3.26 -5.24 -23.20
C LYS D 147 -3.61 -3.76 -23.29
N GLY D 148 -2.65 -2.88 -23.01
CA GLY D 148 -2.89 -1.46 -23.19
C GLY D 148 -3.68 -0.76 -22.11
N ILE D 149 -3.77 -1.33 -20.92
CA ILE D 149 -4.38 -0.67 -19.76
C ILE D 149 -3.29 0.13 -19.05
N LYS D 150 -3.56 1.40 -18.77
CA LYS D 150 -2.53 2.28 -18.22
C LYS D 150 -2.42 2.07 -16.72
N PRO D 151 -1.26 1.72 -16.20
CA PRO D 151 -1.12 1.62 -14.74
C PRO D 151 -1.24 2.98 -14.10
N ASP D 152 -1.71 2.99 -12.88
CA ASP D 152 -1.83 4.25 -12.17
C ASP D 152 -0.91 4.24 -10.96
N GLU D 153 -1.00 5.31 -10.19
CA GLU D 153 -0.17 5.46 -9.00
C GLU D 153 -0.20 4.18 -8.17
N PHE D 154 -1.37 3.56 -8.04
CA PHE D 154 -1.47 2.42 -7.17
C PHE D 154 -0.84 1.18 -7.80
N THR D 155 -0.88 1.08 -9.14
CA THR D 155 -0.24 -0.04 -9.81
C THR D 155 1.27 0.02 -9.64
N PHE D 156 1.87 1.13 -10.08
CA PHE D 156 3.32 1.32 -9.99
C PHE D 156 3.82 1.12 -8.57
N SER D 157 3.11 1.69 -7.59
CA SER D 157 3.49 1.53 -6.21
C SER D 157 3.47 0.06 -5.78
N SER D 158 2.39 -0.66 -6.08
CA SER D 158 2.30 -2.04 -5.62
C SER D 158 3.25 -2.95 -6.38
N VAL D 159 3.50 -2.67 -7.66
CA VAL D 159 4.40 -3.53 -8.42
C VAL D 159 5.85 -3.30 -8.00
N LEU D 160 6.22 -2.04 -7.76
CA LEU D 160 7.59 -1.80 -7.33
C LEU D 160 7.83 -2.39 -5.94
N LYS D 161 6.83 -2.31 -5.05
CA LYS D 161 6.98 -2.95 -3.75
C LYS D 161 7.14 -4.46 -3.91
N ALA D 162 6.48 -5.05 -4.90
CA ALA D 162 6.66 -6.47 -5.17
C ALA D 162 8.04 -6.76 -5.76
N CYS D 163 8.50 -5.94 -6.71
CA CYS D 163 9.86 -6.13 -7.22
C CYS D 163 10.86 -6.04 -6.09
N ALA D 164 10.65 -5.12 -5.14
CA ALA D 164 11.58 -4.95 -4.03
C ALA D 164 11.66 -6.21 -3.17
N ARG D 165 10.50 -6.77 -2.80
CA ARG D 165 10.49 -7.95 -1.94
C ARG D 165 11.06 -9.17 -2.65
N LEU D 166 11.14 -9.13 -3.98
CA LEU D 166 11.51 -10.27 -4.78
C LEU D 166 12.94 -10.18 -5.31
N GLY D 167 13.65 -9.07 -5.07
CA GLY D 167 14.92 -8.85 -5.72
C GLY D 167 14.87 -8.72 -7.23
N ALA D 168 13.69 -8.43 -7.80
CA ALA D 168 13.51 -8.36 -9.26
C ALA D 168 14.01 -7.01 -9.76
N LEU D 169 15.34 -6.87 -9.77
CA LEU D 169 15.95 -5.58 -10.10
C LEU D 169 15.67 -5.17 -11.54
N GLU D 170 15.86 -6.08 -12.49
CA GLU D 170 15.75 -5.69 -13.89
C GLU D 170 14.35 -5.16 -14.23
N LEU D 171 13.31 -5.82 -13.73
CA LEU D 171 11.95 -5.32 -13.97
C LEU D 171 11.76 -3.96 -13.32
N GLY D 172 12.16 -3.83 -12.05
CA GLY D 172 12.08 -2.54 -11.38
C GLY D 172 12.70 -1.41 -12.20
N LYS D 173 13.86 -1.67 -12.81
CA LYS D 173 14.51 -0.63 -13.62
C LYS D 173 13.72 -0.32 -14.88
N GLN D 174 13.10 -1.33 -15.49
CA GLN D 174 12.21 -1.05 -16.61
C GLN D 174 11.01 -0.22 -16.16
N ILE D 175 10.40 -0.60 -15.02
CA ILE D 175 9.31 0.21 -14.47
C ILE D 175 9.77 1.65 -14.27
N HIS D 176 10.98 1.81 -13.73
CA HIS D 176 11.54 3.15 -13.51
C HIS D 176 11.53 3.96 -14.79
N GLY D 177 11.98 3.34 -15.89
CA GLY D 177 11.86 3.98 -17.20
C GLY D 177 10.43 4.31 -17.54
N TYR D 178 9.52 3.33 -17.40
CA TYR D 178 8.14 3.55 -17.78
C TYR D 178 7.51 4.64 -16.94
N VAL D 179 7.79 4.62 -15.64
CA VAL D 179 7.26 5.65 -14.75
C VAL D 179 7.77 7.03 -15.16
N ILE D 180 9.04 7.12 -15.57
CA ILE D 180 9.61 8.40 -15.98
C ILE D 180 8.90 8.93 -17.21
N LYS D 181 8.61 8.03 -18.17
CA LYS D 181 8.04 8.42 -19.46
C LYS D 181 6.56 8.78 -19.37
N SER D 182 5.82 8.15 -18.44
CA SER D 182 4.40 8.39 -18.25
C SER D 182 4.10 9.61 -17.41
N GLY D 183 5.12 10.38 -17.04
CA GLY D 183 4.93 11.61 -16.29
C GLY D 183 4.75 11.45 -14.79
N PHE D 184 5.36 10.43 -14.18
CA PHE D 184 5.21 10.16 -12.76
C PHE D 184 6.44 10.58 -11.93
N GLU D 185 7.32 11.43 -12.47
CA GLU D 185 8.51 11.81 -11.73
C GLU D 185 8.19 12.51 -10.41
N SER D 186 7.12 13.31 -10.37
CA SER D 186 6.82 14.08 -9.17
C SER D 186 5.94 13.33 -8.17
N ASN D 187 5.65 12.05 -8.41
CA ASN D 187 4.65 11.34 -7.62
C ASN D 187 5.32 10.66 -6.44
N VAL D 188 4.95 11.09 -5.24
CA VAL D 188 5.73 10.69 -4.07
C VAL D 188 5.45 9.23 -3.72
N VAL D 189 4.21 8.77 -3.92
CA VAL D 189 3.90 7.37 -3.60
C VAL D 189 4.71 6.41 -4.47
N VAL D 190 4.67 6.62 -5.79
CA VAL D 190 5.48 5.82 -6.70
C VAL D 190 6.96 5.95 -6.39
N TYR D 191 7.42 7.17 -6.07
CA TYR D 191 8.85 7.33 -5.83
C TYR D 191 9.28 6.76 -4.49
N ASN D 192 8.42 6.78 -3.46
CA ASN D 192 8.71 6.02 -2.25
C ASN D 192 8.91 4.55 -2.58
N ALA D 193 8.12 4.03 -3.52
CA ALA D 193 8.25 2.64 -3.94
C ALA D 193 9.59 2.41 -4.66
N LEU D 194 10.05 3.36 -5.48
CA LEU D 194 11.34 3.22 -6.14
C LEU D 194 12.50 3.19 -5.15
N ILE D 195 12.46 4.04 -4.12
CA ILE D 195 13.49 3.97 -3.09
C ILE D 195 13.51 2.59 -2.48
N ASP D 196 12.33 2.06 -2.14
CA ASP D 196 12.26 0.72 -1.56
C ASP D 196 12.82 -0.33 -2.50
N MET D 197 12.54 -0.21 -3.80
CA MET D 197 12.97 -1.24 -4.74
C MET D 197 14.48 -1.25 -4.88
N TYR D 198 15.09 -0.08 -5.01
CA TYR D 198 16.55 -0.03 -5.12
C TYR D 198 17.21 -0.50 -3.84
N SER D 199 16.72 -0.04 -2.68
CA SER D 199 17.30 -0.44 -1.40
C SER D 199 17.31 -1.96 -1.26
N LYS D 200 16.13 -2.57 -1.35
CA LYS D 200 16.03 -4.01 -1.14
C LYS D 200 16.71 -4.80 -2.25
N CYS D 201 17.06 -4.18 -3.37
CA CYS D 201 17.81 -4.86 -4.41
C CYS D 201 19.32 -4.65 -4.30
N GLY D 202 19.77 -4.08 -3.18
CA GLY D 202 21.19 -3.95 -2.90
C GLY D 202 21.87 -2.71 -3.43
N LEU D 203 21.11 -1.67 -3.77
CA LEU D 203 21.63 -0.53 -4.54
C LEU D 203 21.32 0.78 -3.80
N LEU D 204 21.94 0.95 -2.62
CA LEU D 204 21.67 2.16 -1.84
C LEU D 204 22.07 3.43 -2.58
N GLU D 205 23.05 3.34 -3.48
CA GLU D 205 23.44 4.53 -4.20
C GLU D 205 22.30 5.00 -5.11
N GLU D 206 21.65 4.06 -5.82
CA GLU D 206 20.51 4.41 -6.67
C GLU D 206 19.31 4.86 -5.84
N ALA D 207 19.08 4.24 -4.68
CA ALA D 207 18.00 4.72 -3.80
C ALA D 207 18.27 6.14 -3.33
N ARG D 208 19.53 6.44 -3.01
CA ARG D 208 19.91 7.81 -2.66
C ARG D 208 19.61 8.76 -3.83
N LYS D 209 20.02 8.38 -5.05
CA LYS D 209 19.72 9.21 -6.23
C LYS D 209 18.23 9.50 -6.33
N VAL D 210 17.39 8.48 -6.16
CA VAL D 210 15.94 8.68 -6.20
C VAL D 210 15.52 9.71 -5.17
N PHE D 211 15.94 9.51 -3.91
CA PHE D 211 15.63 10.43 -2.82
C PHE D 211 16.03 11.88 -3.16
N ASP D 212 17.28 12.08 -3.59
CA ASP D 212 17.76 13.43 -3.86
C ASP D 212 17.12 14.05 -5.08
N GLU D 213 16.40 13.29 -5.89
CA GLU D 213 15.70 13.85 -7.04
C GLU D 213 14.28 14.30 -6.71
N MET D 214 13.65 13.69 -5.71
CA MET D 214 12.25 13.96 -5.44
C MET D 214 12.06 15.41 -4.99
N PRO D 215 11.18 16.17 -5.64
CA PRO D 215 10.90 17.53 -5.14
C PRO D 215 10.13 17.56 -3.83
N GLU D 216 9.25 16.60 -3.60
CA GLU D 216 8.47 16.52 -2.36
C GLU D 216 8.84 15.25 -1.60
N LYS D 217 8.96 15.38 -0.28
CA LYS D 217 9.24 14.22 0.56
C LYS D 217 8.34 14.28 1.78
N ASP D 218 7.69 13.17 2.08
CA ASP D 218 6.87 12.98 3.26
C ASP D 218 7.54 12.00 4.23
N VAL D 219 6.79 11.55 5.23
CA VAL D 219 7.38 10.70 6.26
C VAL D 219 7.85 9.40 5.65
N VAL D 220 7.05 8.83 4.76
CA VAL D 220 7.30 7.49 4.25
C VAL D 220 8.57 7.47 3.41
N THR D 221 8.89 8.57 2.73
CA THR D 221 10.15 8.55 1.97
C THR D 221 11.35 8.61 2.90
N TYR D 222 11.28 9.40 3.98
CA TYR D 222 12.36 9.32 4.96
C TYR D 222 12.40 7.94 5.58
N ASN D 223 11.24 7.37 5.90
CA ASN D 223 11.19 6.07 6.56
C ASN D 223 11.77 4.99 5.66
N THR D 224 11.34 4.96 4.40
CA THR D 224 11.79 3.94 3.46
C THR D 224 13.31 3.97 3.31
N LEU D 225 13.91 5.15 3.18
CA LEU D 225 15.36 5.21 3.01
C LEU D 225 16.10 4.89 4.30
N ILE D 226 15.55 5.25 5.46
CA ILE D 226 16.18 4.88 6.73
C ILE D 226 16.24 3.37 6.86
N ASP D 227 15.11 2.70 6.59
CA ASP D 227 15.06 1.24 6.63
C ASP D 227 16.12 0.60 5.74
N GLY D 228 16.34 1.18 4.55
CA GLY D 228 17.34 0.61 3.65
C GLY D 228 18.75 0.78 4.15
N LEU D 229 19.06 1.95 4.74
CA LEU D 229 20.37 2.14 5.34
C LEU D 229 20.57 1.19 6.51
N CYS D 230 19.54 1.01 7.34
CA CYS D 230 19.71 0.18 8.53
C CYS D 230 19.89 -1.27 8.16
N LYS D 231 19.11 -1.78 7.21
CA LYS D 231 19.29 -3.16 6.79
C LYS D 231 20.66 -3.35 6.13
N ALA D 232 21.14 -2.33 5.43
CA ALA D 232 22.49 -2.42 4.89
C ALA D 232 23.56 -2.23 5.96
N GLY D 233 23.19 -1.94 7.19
CA GLY D 233 24.19 -1.63 8.21
C GLY D 233 24.82 -0.27 8.07
N LYS D 234 24.20 0.64 7.31
CA LYS D 234 24.70 2.00 7.13
C LYS D 234 24.11 2.89 8.23
N LEU D 235 24.51 2.56 9.46
CA LEU D 235 23.84 3.08 10.65
C LEU D 235 24.11 4.57 10.84
N ASP D 236 25.35 5.01 10.61
CA ASP D 236 25.65 6.44 10.73
C ASP D 236 24.89 7.24 9.70
N GLU D 237 24.79 6.73 8.46
CA GLU D 237 24.04 7.43 7.43
C GLU D 237 22.56 7.55 7.80
N ALA D 238 21.99 6.49 8.38
CA ALA D 238 20.61 6.53 8.88
C ALA D 238 20.40 7.70 9.82
N LEU D 239 21.36 7.94 10.72
CA LEU D 239 21.19 8.94 11.77
C LEU D 239 21.30 10.34 11.21
N LYS D 240 22.34 10.61 10.39
CA LYS D 240 22.45 11.91 9.73
C LYS D 240 21.16 12.24 9.01
N LEU D 241 20.53 11.23 8.39
CA LEU D 241 19.31 11.47 7.66
C LEU D 241 18.16 11.77 8.60
N PHE D 242 18.09 11.06 9.72
CA PHE D 242 17.00 11.32 10.66
C PHE D 242 17.01 12.76 11.14
N GLU D 243 18.18 13.29 11.46
CA GLU D 243 18.17 14.68 11.89
C GLU D 243 17.90 15.62 10.71
N GLU D 244 18.31 15.22 9.50
CA GLU D 244 17.89 15.94 8.30
C GLU D 244 16.36 16.02 8.24
N MET D 245 15.70 14.89 8.42
CA MET D 245 14.24 14.87 8.47
C MET D 245 13.67 15.88 9.48
N VAL D 246 14.24 15.92 10.67
CA VAL D 246 13.74 16.81 11.72
C VAL D 246 14.01 18.27 11.37
N GLU D 247 15.16 18.54 10.74
CA GLU D 247 15.46 19.90 10.31
C GLU D 247 14.53 20.41 9.22
N LYS D 248 13.96 19.53 8.38
CA LYS D 248 13.05 19.96 7.33
C LYS D 248 11.60 20.03 7.80
N GLY D 249 11.33 19.67 9.05
CA GLY D 249 9.99 19.81 9.57
C GLY D 249 9.08 18.61 9.33
N ILE D 250 9.61 17.51 8.83
CA ILE D 250 8.81 16.31 8.66
C ILE D 250 8.75 15.59 10.01
N LYS D 251 7.54 15.39 10.51
CA LYS D 251 7.40 14.82 11.85
C LYS D 251 7.62 13.31 11.81
N PRO D 252 8.47 12.76 12.67
CA PRO D 252 8.64 11.31 12.71
C PRO D 252 7.38 10.64 13.21
N ASP D 253 7.30 9.34 12.96
CA ASP D 253 6.14 8.59 13.41
C ASP D 253 6.60 7.35 14.16
N GLU D 254 5.64 6.49 14.50
CA GLU D 254 5.93 5.22 15.17
C GLU D 254 7.14 4.52 14.58
N PHE D 255 7.20 4.44 13.25
CA PHE D 255 8.18 3.60 12.60
C PHE D 255 9.53 4.29 12.48
N THR D 256 9.55 5.60 12.21
CA THR D 256 10.80 6.36 12.28
C THR D 256 11.51 6.14 13.60
N PHE D 257 10.80 6.37 14.72
CA PHE D 257 11.44 6.24 16.03
C PHE D 257 11.99 4.84 16.25
N SER D 258 11.24 3.81 15.86
CA SER D 258 11.70 2.44 16.03
C SER D 258 12.96 2.14 15.21
N SER D 259 13.11 2.77 14.05
CA SER D 259 14.25 2.49 13.18
C SER D 259 15.52 3.18 13.68
N VAL D 260 15.39 4.43 14.15
CA VAL D 260 16.58 5.18 14.55
C VAL D 260 16.98 4.83 15.97
N LEU D 261 16.03 4.38 16.80
CA LEU D 261 16.41 3.89 18.13
C LEU D 261 17.18 2.58 18.01
N LYS D 262 16.72 1.67 17.12
CA LYS D 262 17.49 0.45 16.86
C LYS D 262 18.81 0.79 16.17
N ALA D 263 18.81 1.79 15.31
CA ALA D 263 20.08 2.31 14.82
C ALA D 263 20.96 2.73 15.98
N CYS D 264 20.37 3.41 16.96
CA CYS D 264 21.11 3.78 18.16
C CYS D 264 21.45 2.55 19.00
N ALA D 265 20.55 1.56 19.03
CA ALA D 265 20.76 0.29 19.76
C ALA D 265 21.52 -0.72 18.90
N ARG D 266 22.55 -0.22 18.24
CA ARG D 266 23.37 -1.01 17.33
C ARG D 266 24.63 -0.18 17.16
N LEU D 267 24.92 0.59 18.19
CA LEU D 267 25.94 1.63 18.15
C LEU D 267 26.08 2.14 19.57
N GLY D 268 27.17 2.86 19.81
CA GLY D 268 27.35 3.52 21.09
C GLY D 268 26.74 4.90 21.04
N ALA D 269 25.47 4.97 20.63
CA ALA D 269 24.79 6.22 20.31
C ALA D 269 23.88 6.68 21.45
N LEU D 270 24.23 6.37 22.70
CA LEU D 270 23.31 6.58 23.82
C LEU D 270 22.89 8.05 23.94
N GLU D 271 23.85 8.97 23.82
CA GLU D 271 23.55 10.40 23.96
C GLU D 271 22.50 10.87 22.95
N LEU D 272 22.43 10.20 21.80
CA LEU D 272 21.42 10.53 20.81
C LEU D 272 20.11 9.83 21.09
N GLY D 273 20.20 8.57 21.56
CA GLY D 273 19.01 7.86 22.00
C GLY D 273 18.30 8.59 23.13
N LYS D 274 19.03 9.32 23.96
CA LYS D 274 18.42 10.06 25.04
C LYS D 274 17.68 11.29 24.52
N GLN D 275 18.30 12.05 23.60
CA GLN D 275 17.60 13.17 22.97
C GLN D 275 16.36 12.71 22.22
N ILE D 276 16.41 11.53 21.58
CA ILE D 276 15.24 11.02 20.90
C ILE D 276 14.16 10.60 21.90
N HIS D 277 14.56 9.98 23.00
CA HIS D 277 13.63 9.67 24.09
C HIS D 277 12.88 10.92 24.55
N GLY D 278 13.61 12.02 24.75
CA GLY D 278 12.96 13.29 25.04
C GLY D 278 11.99 13.73 23.95
N TYR D 279 12.44 13.68 22.69
CA TYR D 279 11.55 13.96 21.57
C TYR D 279 10.34 13.03 21.62
N VAL D 280 10.57 11.74 21.83
CA VAL D 280 9.48 10.79 21.81
C VAL D 280 8.46 11.12 22.88
N ILE D 281 8.94 11.47 24.09
CA ILE D 281 8.04 11.87 25.18
C ILE D 281 7.22 13.10 24.80
N LYS D 282 7.86 14.09 24.18
CA LYS D 282 7.17 15.34 23.89
C LYS D 282 6.22 15.26 22.72
N SER D 283 6.39 14.28 21.81
CA SER D 283 5.52 14.11 20.65
C SER D 283 4.31 13.22 20.94
N GLY D 284 4.22 12.65 22.14
CA GLY D 284 3.11 11.80 22.49
C GLY D 284 3.30 10.33 22.19
N PHE D 285 4.56 9.88 22.10
CA PHE D 285 4.87 8.54 21.63
C PHE D 285 5.48 7.64 22.70
N GLU D 286 5.44 8.04 23.99
CA GLU D 286 6.06 7.19 25.01
C GLU D 286 5.24 5.94 25.28
N SER D 287 3.92 6.03 25.17
CA SER D 287 3.04 4.88 25.35
C SER D 287 2.75 4.14 24.05
N ASN D 288 3.64 4.20 23.07
CA ASN D 288 3.44 3.50 21.81
C ASN D 288 4.25 2.23 21.80
N VAL D 289 3.60 1.13 21.42
CA VAL D 289 4.10 -0.20 21.76
C VAL D 289 5.44 -0.48 21.09
N VAL D 290 5.60 -0.08 19.83
CA VAL D 290 6.88 -0.43 19.22
C VAL D 290 7.97 0.56 19.63
N VAL D 291 7.60 1.80 19.97
CA VAL D 291 8.59 2.73 20.49
C VAL D 291 9.00 2.33 21.91
N TYR D 292 8.02 1.99 22.75
CA TYR D 292 8.21 1.20 23.98
C TYR D 292 9.40 0.27 23.82
N ASN D 293 9.21 -0.74 22.96
CA ASN D 293 10.19 -1.81 22.85
C ASN D 293 11.47 -1.31 22.20
N ALA D 294 11.40 -0.33 21.30
CA ALA D 294 12.63 0.22 20.76
C ALA D 294 13.40 0.99 21.82
N LEU D 295 12.67 1.64 22.75
CA LEU D 295 13.34 2.30 23.86
C LEU D 295 13.94 1.30 24.82
N ILE D 296 13.14 0.31 25.25
CA ILE D 296 13.67 -0.76 26.09
C ILE D 296 14.87 -1.43 25.43
N ASP D 297 14.76 -1.72 24.14
CA ASP D 297 15.87 -2.30 23.39
C ASP D 297 17.08 -1.35 23.38
N MET D 298 16.88 -0.10 22.97
CA MET D 298 18.00 0.84 22.87
C MET D 298 18.75 0.94 24.18
N TYR D 299 18.01 1.11 25.28
CA TYR D 299 18.65 1.27 26.58
C TYR D 299 19.41 0.00 26.99
N SER D 300 18.83 -1.18 26.73
CA SER D 300 19.48 -2.44 27.10
C SER D 300 20.80 -2.62 26.36
N LYS D 301 20.78 -2.47 25.02
CA LYS D 301 22.01 -2.54 24.26
C LYS D 301 23.02 -1.46 24.66
N CYS D 302 22.60 -0.48 25.46
CA CYS D 302 23.52 0.54 25.92
C CYS D 302 23.94 0.32 27.36
N GLY D 303 23.64 -0.85 27.94
CA GLY D 303 24.12 -1.24 29.25
C GLY D 303 23.28 -0.78 30.43
N LEU D 304 22.93 0.52 30.44
CA LEU D 304 22.00 1.05 31.42
C LEU D 304 20.71 0.23 31.38
N LEU D 305 20.56 -0.76 32.28
CA LEU D 305 19.41 -1.64 32.30
C LEU D 305 18.32 -1.20 33.27
N GLU D 306 18.60 -0.22 34.11
CA GLU D 306 17.56 0.28 34.99
C GLU D 306 16.58 0.91 34.07
N GLU D 307 17.10 1.86 33.29
CA GLU D 307 16.34 2.61 32.31
C GLU D 307 15.38 1.74 31.56
N ALA D 308 15.90 0.66 31.00
CA ALA D 308 15.04 -0.23 30.28
C ALA D 308 13.90 -0.67 31.19
N ARG D 309 14.20 -0.89 32.45
CA ARG D 309 13.19 -1.31 33.41
C ARG D 309 12.22 -0.17 33.64
N LYS D 310 12.79 1.01 33.81
CA LYS D 310 12.00 2.24 33.90
C LYS D 310 11.06 2.37 32.70
N VAL D 311 11.57 2.12 31.49
CA VAL D 311 10.71 2.19 30.30
C VAL D 311 9.61 1.13 30.40
N PHE D 312 10.00 -0.11 30.70
CA PHE D 312 9.03 -1.20 30.80
C PHE D 312 7.99 -0.95 31.88
N ASP D 313 8.44 -0.49 33.05
CA ASP D 313 7.55 -0.36 34.21
C ASP D 313 6.50 0.74 34.04
N GLU D 314 6.16 1.09 32.80
CA GLU D 314 5.02 1.96 32.54
C GLU D 314 3.84 1.09 32.04
#